data_5URA
#
_entry.id   5URA
#
_cell.length_a   53.840
_cell.length_b   73.330
_cell.length_c   70.530
_cell.angle_alpha   90.000
_cell.angle_beta   92.980
_cell.angle_gamma   90.000
#
_symmetry.space_group_name_H-M   'P 1 21 1'
#
loop_
_entity.id
_entity.type
_entity.pdbx_description
1 polymer 'Fatty acid-binding protein, brain'
2 non-polymer '(1S,2S,3S,4S)-3-{[(naphthalen-1-yl)oxy]carbonyl}-2,4-diphenylcyclobutane-1-carboxylic acid'
3 non-polymer 'SULFATE ION'
4 water water
#
_entity_poly.entity_id   1
_entity_poly.type   'polypeptide(L)'
_entity_poly.pdbx_seq_one_letter_code
;GSHMVEAFCATWKLTNSQNFDEYMKALGVGFATRQVGNVTKPTVIISQEGDKVVIRTLSTFKNTEISFQLGEEFDETTAD
DRNCKSVVSLDGDKLVHIQKWDGKETNFVREIKDGKMVMTLTFGDVVAVRHYEKA
;
_entity_poly.pdbx_strand_id   A,B,C,D
#
loop_
_chem_comp.id
_chem_comp.type
_chem_comp.name
_chem_comp.formula
8KS non-polymer '(1S,2S,3S,4S)-3-{[(naphthalen-1-yl)oxy]carbonyl}-2,4-diphenylcyclobutane-1-carboxylic acid' 'C28 H22 O4'
SO4 non-polymer 'SULFATE ION' 'O4 S -2'
#
# COMPACT_ATOMS: atom_id res chain seq x y z
N SER A 2 26.20 22.85 -16.36
CA SER A 2 25.33 23.33 -17.44
C SER A 2 24.96 24.79 -17.25
N HIS A 3 25.07 25.57 -18.32
CA HIS A 3 24.78 27.00 -18.24
C HIS A 3 23.30 27.27 -18.04
N MET A 4 22.43 26.57 -18.78
CA MET A 4 21.01 26.84 -18.69
C MET A 4 20.44 26.45 -17.33
N VAL A 5 21.06 25.48 -16.66
CA VAL A 5 20.56 25.08 -15.35
C VAL A 5 20.89 26.13 -14.30
N GLU A 6 22.01 26.84 -14.46
CA GLU A 6 22.44 27.80 -13.45
C GLU A 6 21.35 28.81 -13.13
N ALA A 7 20.54 29.19 -14.13
CA ALA A 7 19.49 30.17 -13.89
C ALA A 7 18.49 29.69 -12.85
N PHE A 8 18.37 28.37 -12.68
CA PHE A 8 17.46 27.83 -11.68
C PHE A 8 18.13 27.63 -10.33
N CYS A 9 19.46 27.70 -10.25
CA CYS A 9 20.17 27.29 -9.05
C CYS A 9 20.07 28.39 -8.01
N ALA A 10 19.24 28.16 -7.00
CA ALA A 10 18.98 29.16 -5.96
C ALA A 10 18.06 28.58 -4.91
N THR A 11 17.78 29.37 -3.87
CA THR A 11 16.80 29.04 -2.85
C THR A 11 15.55 29.86 -3.11
N TRP A 12 14.44 29.16 -3.33
CA TRP A 12 13.20 29.75 -3.83
C TRP A 12 12.10 29.57 -2.79
N LYS A 13 11.16 30.51 -2.80
CA LYS A 13 9.98 30.46 -1.93
C LYS A 13 8.75 30.64 -2.81
N LEU A 14 7.67 29.93 -2.47
CA LEU A 14 6.43 30.03 -3.23
C LEU A 14 5.76 31.38 -2.98
N THR A 15 5.42 32.08 -4.06
CA THR A 15 4.74 33.37 -3.96
C THR A 15 3.33 33.38 -4.54
N ASN A 16 2.98 32.43 -5.42
CA ASN A 16 1.63 32.36 -5.96
C ASN A 16 1.37 30.97 -6.51
N SER A 17 0.10 30.55 -6.46
CA SER A 17 -0.32 29.26 -6.98
C SER A 17 -1.71 29.40 -7.61
N GLN A 18 -1.87 28.87 -8.82
CA GLN A 18 -3.14 28.94 -9.54
C GLN A 18 -3.59 27.52 -9.88
N ASN A 19 -4.76 27.14 -9.39
CA ASN A 19 -5.42 25.90 -9.79
C ASN A 19 -4.70 24.64 -9.33
N PHE A 20 -3.84 24.75 -8.31
CA PHE A 20 -3.11 23.57 -7.85
C PHE A 20 -4.05 22.54 -7.24
N ASP A 21 -5.13 22.99 -6.59
CA ASP A 21 -6.09 22.05 -5.99
C ASP A 21 -6.70 21.14 -7.05
N GLU A 22 -7.14 21.71 -8.17
CA GLU A 22 -7.72 20.89 -9.23
C GLU A 22 -6.67 19.95 -9.81
N TYR A 23 -5.44 20.42 -9.97
CA TYR A 23 -4.37 19.57 -10.47
C TYR A 23 -4.19 18.35 -9.56
N MET A 24 -4.08 18.58 -8.25
CA MET A 24 -3.97 17.47 -7.31
C MET A 24 -5.18 16.56 -7.41
N LYS A 25 -6.37 17.13 -7.54
CA LYS A 25 -7.59 16.34 -7.63
C LYS A 25 -7.52 15.39 -8.82
N ALA A 26 -7.09 15.91 -9.98
CA ALA A 26 -6.97 15.07 -11.17
C ALA A 26 -5.97 13.94 -10.96
N LEU A 27 -4.93 14.18 -10.17
CA LEU A 27 -3.95 13.15 -9.85
C LEU A 27 -4.52 12.05 -8.96
N GLY A 28 -5.67 12.27 -8.34
CA GLY A 28 -6.26 11.32 -7.43
C GLY A 28 -6.01 11.58 -5.96
N VAL A 29 -5.52 12.76 -5.61
CA VAL A 29 -5.29 13.11 -4.21
C VAL A 29 -6.62 13.41 -3.55
N GLY A 30 -6.83 12.86 -2.36
CA GLY A 30 -8.05 13.11 -1.63
C GLY A 30 -8.09 14.50 -1.02
N PHE A 31 -9.28 14.88 -0.57
CA PHE A 31 -9.54 16.25 -0.14
C PHE A 31 -8.57 16.70 0.95
N ALA A 32 -8.44 15.92 2.02
CA ALA A 32 -7.64 16.36 3.16
C ALA A 32 -6.16 16.54 2.77
N THR A 33 -5.60 15.54 2.09
CA THR A 33 -4.23 15.67 1.61
C THR A 33 -4.11 16.89 0.69
N ARG A 34 -5.13 17.13 -0.14
CA ARG A 34 -5.13 18.33 -0.95
C ARG A 34 -5.05 19.58 -0.07
N GLN A 35 -5.72 19.58 1.08
CA GLN A 35 -5.63 20.73 1.98
C GLN A 35 -4.18 20.94 2.41
N VAL A 36 -3.48 19.84 2.74
CA VAL A 36 -2.06 19.97 3.06
C VAL A 36 -1.32 20.61 1.90
N GLY A 37 -1.54 20.12 0.69
CA GLY A 37 -0.84 20.67 -0.47
C GLY A 37 -1.16 22.14 -0.71
N ASN A 38 -2.39 22.55 -0.42
CA ASN A 38 -2.79 23.93 -0.69
C ASN A 38 -2.24 24.90 0.34
N VAL A 39 -2.05 24.47 1.59
CA VAL A 39 -1.64 25.42 2.62
C VAL A 39 -0.12 25.49 2.78
N THR A 40 0.62 24.48 2.34
CA THR A 40 2.05 24.46 2.60
C THR A 40 2.78 25.49 1.74
N LYS A 41 3.75 26.16 2.35
CA LYS A 41 4.61 27.13 1.67
C LYS A 41 6.04 26.57 1.61
N PRO A 42 6.44 25.95 0.50
CA PRO A 42 7.72 25.25 0.47
C PRO A 42 8.90 26.16 0.22
N THR A 43 10.07 25.71 0.68
CA THR A 43 11.35 26.28 0.28
C THR A 43 12.03 25.29 -0.66
N VAL A 44 12.36 25.74 -1.86
CA VAL A 44 12.86 24.85 -2.92
C VAL A 44 14.27 25.29 -3.27
N ILE A 45 15.24 24.41 -3.05
CA ILE A 45 16.64 24.68 -3.30
C ILE A 45 17.05 23.85 -4.50
N ILE A 46 17.47 24.52 -5.57
CA ILE A 46 17.95 23.85 -6.78
C ILE A 46 19.44 24.13 -6.92
N SER A 47 20.22 23.07 -7.16
CA SER A 47 21.67 23.20 -7.21
C SER A 47 22.23 22.21 -8.22
N GLN A 48 23.49 22.42 -8.58
CA GLN A 48 24.23 21.51 -9.45
C GLN A 48 25.40 20.96 -8.64
N GLU A 49 25.48 19.64 -8.56
CA GLU A 49 26.51 18.95 -7.80
C GLU A 49 27.12 17.91 -8.74
N GLY A 50 28.29 18.24 -9.27
CA GLY A 50 28.90 17.39 -10.28
C GLY A 50 28.05 17.40 -11.54
N ASP A 51 27.76 16.23 -12.07
CA ASP A 51 26.86 16.10 -13.21
C ASP A 51 25.42 15.91 -12.79
N LYS A 52 25.12 16.03 -11.49
CA LYS A 52 23.76 15.86 -11.00
C LYS A 52 23.12 17.21 -10.74
N VAL A 53 21.81 17.27 -10.97
CA VAL A 53 20.96 18.35 -10.52
C VAL A 53 20.24 17.86 -9.28
N VAL A 54 20.19 18.70 -8.24
CA VAL A 54 19.59 18.34 -6.97
C VAL A 54 18.49 19.34 -6.66
N ILE A 55 17.33 18.84 -6.29
CA ILE A 55 16.20 19.65 -5.87
C ILE A 55 15.79 19.18 -4.48
N ARG A 56 16.00 20.04 -3.50
CA ARG A 56 15.61 19.80 -2.11
C ARG A 56 14.43 20.70 -1.79
N THR A 57 13.36 20.13 -1.24
CA THR A 57 12.19 20.90 -0.87
C THR A 57 11.94 20.73 0.62
N LEU A 58 11.84 21.84 1.33
CA LEU A 58 11.66 21.86 2.78
C LEU A 58 10.30 22.44 3.10
N SER A 59 9.57 21.78 4.00
CA SER A 59 8.29 22.29 4.46
C SER A 59 7.96 21.63 5.79
N THR A 60 6.93 22.16 6.45
CA THR A 60 6.47 21.55 7.70
C THR A 60 5.91 20.17 7.46
N PHE A 61 5.24 19.97 6.32
CA PHE A 61 4.65 18.67 6.01
C PHE A 61 5.73 17.60 5.95
N LYS A 62 6.77 17.82 5.14
CA LYS A 62 7.89 16.90 5.03
C LYS A 62 8.93 17.57 4.13
N ASN A 63 10.13 17.00 4.13
CA ASN A 63 11.19 17.40 3.23
C ASN A 63 11.38 16.32 2.18
N THR A 64 11.65 16.74 0.94
CA THR A 64 11.94 15.81 -0.15
C THR A 64 13.27 16.21 -0.77
N GLU A 65 13.90 15.23 -1.43
CA GLU A 65 15.14 15.49 -2.13
C GLU A 65 15.21 14.56 -3.33
N ILE A 66 15.46 15.12 -4.50
CA ILE A 66 15.71 14.32 -5.69
C ILE A 66 17.04 14.77 -6.27
N SER A 67 17.74 13.80 -6.85
CA SER A 67 19.01 14.03 -7.51
C SER A 67 19.01 13.23 -8.80
N PHE A 68 19.39 13.86 -9.90
CA PHE A 68 19.23 13.20 -11.19
C PHE A 68 20.24 13.76 -12.19
N GLN A 69 20.55 12.96 -13.20
CA GLN A 69 21.23 13.46 -14.38
C GLN A 69 20.18 13.84 -15.40
N LEU A 70 20.41 14.97 -16.07
CA LEU A 70 19.46 15.44 -17.07
C LEU A 70 19.26 14.38 -18.14
N GLY A 71 17.99 14.11 -18.46
CA GLY A 71 17.65 13.15 -19.49
C GLY A 71 17.74 11.70 -19.08
N GLU A 72 18.09 11.41 -17.82
CA GLU A 72 18.22 10.05 -17.32
C GLU A 72 17.03 9.69 -16.44
N GLU A 73 16.34 8.62 -16.78
CA GLU A 73 15.20 8.17 -15.98
C GLU A 73 15.66 7.72 -14.60
N PHE A 74 14.85 8.00 -13.59
CA PHE A 74 15.17 7.64 -12.22
C PHE A 74 13.87 7.37 -11.46
N ASP A 75 14.01 6.65 -10.34
CA ASP A 75 12.86 6.39 -9.46
C ASP A 75 12.66 7.57 -8.53
N GLU A 76 11.40 8.03 -8.41
CA GLU A 76 11.07 9.18 -7.59
C GLU A 76 9.86 8.86 -6.73
N THR A 77 9.96 9.14 -5.43
CA THR A 77 8.82 9.06 -4.54
C THR A 77 8.38 10.49 -4.20
N THR A 78 7.21 10.87 -4.68
CA THR A 78 6.74 12.25 -4.58
C THR A 78 6.28 12.55 -3.16
N ALA A 79 6.04 13.84 -2.89
CA ALA A 79 5.58 14.25 -1.58
C ALA A 79 4.29 13.56 -1.18
N ASP A 80 3.44 13.22 -2.15
CA ASP A 80 2.20 12.51 -1.89
C ASP A 80 2.35 11.00 -2.04
N ASP A 81 3.59 10.49 -2.07
CA ASP A 81 3.86 9.06 -2.01
C ASP A 81 3.40 8.31 -3.26
N ARG A 82 3.47 8.96 -4.42
CA ARG A 82 3.39 8.25 -5.69
C ARG A 82 4.78 7.73 -6.03
N ASN A 83 4.87 6.47 -6.41
CA ASN A 83 6.15 5.85 -6.77
C ASN A 83 6.25 5.89 -8.29
N CYS A 84 7.08 6.80 -8.79
CA CYS A 84 7.11 7.17 -10.19
C CYS A 84 8.43 6.81 -10.85
N LYS A 85 8.35 6.62 -12.17
CA LYS A 85 9.49 6.68 -13.06
C LYS A 85 9.51 8.09 -13.65
N SER A 86 10.58 8.83 -13.39
CA SER A 86 10.63 10.25 -13.70
C SER A 86 11.84 10.57 -14.56
N VAL A 87 11.74 11.64 -15.33
CA VAL A 87 12.89 12.14 -16.08
C VAL A 87 12.80 13.66 -16.13
N VAL A 88 13.93 14.32 -15.93
CA VAL A 88 14.01 15.78 -16.04
C VAL A 88 15.01 16.10 -17.15
N SER A 89 14.59 16.91 -18.11
CA SER A 89 15.41 17.22 -19.28
C SER A 89 15.36 18.71 -19.56
N LEU A 90 16.35 19.19 -20.31
CA LEU A 90 16.34 20.57 -20.81
C LEU A 90 15.60 20.64 -22.13
N ASP A 91 14.73 21.64 -22.25
CA ASP A 91 14.11 22.03 -23.52
C ASP A 91 14.47 23.50 -23.70
N GLY A 92 15.56 23.75 -24.41
CA GLY A 92 16.09 25.10 -24.51
C GLY A 92 16.54 25.59 -23.15
N ASP A 93 15.85 26.60 -22.62
CA ASP A 93 16.14 27.13 -21.30
C ASP A 93 15.19 26.61 -20.23
N LYS A 94 14.33 25.67 -20.58
CA LYS A 94 13.30 25.17 -19.67
C LYS A 94 13.66 23.80 -19.13
N LEU A 95 13.20 23.50 -17.92
CA LEU A 95 13.35 22.17 -17.34
C LEU A 95 12.00 21.45 -17.38
N VAL A 96 11.97 20.31 -18.06
CA VAL A 96 10.76 19.53 -18.24
C VAL A 96 10.86 18.26 -17.41
N HIS A 97 9.89 18.07 -16.52
CA HIS A 97 9.88 16.98 -15.55
C HIS A 97 8.68 16.09 -15.85
N ILE A 98 8.93 14.84 -16.18
CA ILE A 98 7.89 13.86 -16.51
C ILE A 98 7.83 12.84 -15.38
N GLN A 99 6.61 12.58 -14.89
CA GLN A 99 6.36 11.56 -13.87
C GLN A 99 5.37 10.54 -14.42
N LYS A 100 5.74 9.26 -14.36
CA LYS A 100 4.88 8.15 -14.78
C LYS A 100 4.63 7.24 -13.60
N TRP A 101 3.37 6.88 -13.38
CA TRP A 101 3.03 5.95 -12.30
C TRP A 101 1.64 5.37 -12.57
N ASP A 102 1.52 4.05 -12.38
CA ASP A 102 0.23 3.36 -12.51
C ASP A 102 -0.41 3.62 -13.87
N GLY A 103 0.40 3.58 -14.92
CA GLY A 103 -0.08 3.83 -16.26
C GLY A 103 -0.49 5.26 -16.54
N LYS A 104 -0.25 6.16 -15.60
CA LYS A 104 -0.58 7.58 -15.76
C LYS A 104 0.69 8.38 -15.96
N GLU A 105 0.51 9.58 -16.48
CA GLU A 105 1.62 10.46 -16.82
C GLU A 105 1.24 11.90 -16.54
N THR A 106 2.15 12.64 -15.92
CA THR A 106 1.99 14.06 -15.72
C THR A 106 3.31 14.73 -16.04
N ASN A 107 3.27 16.03 -16.33
CA ASN A 107 4.54 16.71 -16.55
C ASN A 107 4.44 18.14 -16.07
N PHE A 108 5.58 18.71 -15.68
CA PHE A 108 5.61 20.13 -15.35
C PHE A 108 6.88 20.76 -15.86
N VAL A 109 6.77 22.05 -16.20
CA VAL A 109 7.83 22.81 -16.83
C VAL A 109 8.25 23.91 -15.86
N ARG A 110 9.56 24.01 -15.62
CA ARG A 110 10.15 25.09 -14.85
C ARG A 110 10.81 26.07 -15.81
N GLU A 111 10.52 27.36 -15.60
CA GLU A 111 11.06 28.44 -16.42
C GLU A 111 11.53 29.57 -15.52
N ILE A 112 12.56 30.28 -15.97
CA ILE A 112 12.95 31.54 -15.33
C ILE A 112 12.42 32.67 -16.21
N LYS A 113 11.51 33.46 -15.66
CA LYS A 113 10.89 34.59 -16.35
C LYS A 113 10.99 35.81 -15.45
N ASP A 114 11.64 36.86 -15.94
CA ASP A 114 11.86 38.08 -15.18
C ASP A 114 12.37 37.76 -13.77
N GLY A 115 13.37 36.88 -13.71
CA GLY A 115 14.02 36.54 -12.46
C GLY A 115 13.25 35.62 -11.53
N LYS A 116 12.00 35.31 -11.84
CA LYS A 116 11.20 34.42 -11.01
C LYS A 116 11.08 33.06 -11.68
N MET A 117 10.84 32.04 -10.86
CA MET A 117 10.63 30.69 -11.38
C MET A 117 9.14 30.42 -11.53
N VAL A 118 8.72 30.06 -12.73
CA VAL A 118 7.34 29.72 -13.03
C VAL A 118 7.27 28.24 -13.37
N MET A 119 6.39 27.52 -12.67
CA MET A 119 6.17 26.10 -12.88
C MET A 119 4.76 25.89 -13.43
N THR A 120 4.67 25.25 -14.60
CA THR A 120 3.40 24.93 -15.23
C THR A 120 3.20 23.42 -15.23
N LEU A 121 2.14 22.97 -14.57
CA LEU A 121 1.88 21.54 -14.39
C LEU A 121 0.67 21.12 -15.20
N THR A 122 0.79 19.96 -15.86
CA THR A 122 -0.25 19.44 -16.72
C THR A 122 -0.52 17.99 -16.37
N PHE A 123 -1.81 17.69 -16.15
CA PHE A 123 -2.32 16.33 -16.16
C PHE A 123 -3.58 16.31 -17.02
N GLY A 124 -3.51 15.66 -18.17
CA GLY A 124 -4.62 15.72 -19.11
C GLY A 124 -4.80 17.15 -19.55
N ASP A 125 -6.01 17.67 -19.38
CA ASP A 125 -6.30 19.07 -19.69
C ASP A 125 -6.34 19.95 -18.44
N VAL A 126 -5.94 19.43 -17.28
CA VAL A 126 -5.90 20.23 -16.06
C VAL A 126 -4.51 20.83 -15.96
N VAL A 127 -4.46 22.16 -15.82
CA VAL A 127 -3.20 22.92 -15.80
C VAL A 127 -3.17 23.75 -14.52
N ALA A 128 -2.02 23.75 -13.85
CA ALA A 128 -1.80 24.62 -12.71
C ALA A 128 -0.53 25.42 -12.93
N VAL A 129 -0.45 26.59 -12.30
CA VAL A 129 0.70 27.47 -12.46
C VAL A 129 1.13 27.97 -11.08
N ARG A 130 2.42 27.86 -10.79
CA ARG A 130 2.97 28.27 -9.51
C ARG A 130 4.15 29.18 -9.75
N HIS A 131 4.24 30.25 -8.95
CA HIS A 131 5.32 31.21 -9.04
C HIS A 131 6.19 31.14 -7.78
N TYR A 132 7.49 31.28 -7.97
CA TYR A 132 8.48 31.26 -6.90
C TYR A 132 9.45 32.41 -7.09
N GLU A 133 9.94 32.95 -5.97
CA GLU A 133 10.92 34.03 -5.97
C GLU A 133 12.13 33.63 -5.13
N LYS A 134 13.28 34.15 -5.52
CA LYS A 134 14.52 33.87 -4.78
C LYS A 134 14.40 34.38 -3.35
N ALA A 135 14.88 33.57 -2.42
CA ALA A 135 14.90 33.97 -1.02
C ALA A 135 16.32 34.40 -0.65
N GLY B 1 4.87 -4.47 21.07
CA GLY B 1 5.16 -4.91 19.72
C GLY B 1 3.92 -5.03 18.85
N SER B 2 4.09 -5.56 17.64
CA SER B 2 3.00 -5.70 16.69
C SER B 2 2.26 -7.01 16.90
N HIS B 3 0.94 -6.91 17.08
CA HIS B 3 0.13 -8.12 17.16
C HIS B 3 0.06 -8.84 15.81
N MET B 4 0.19 -8.10 14.71
CA MET B 4 0.22 -8.73 13.40
C MET B 4 1.53 -9.50 13.22
N VAL B 5 2.66 -8.89 13.59
CA VAL B 5 3.94 -9.59 13.48
C VAL B 5 3.97 -10.80 14.39
N GLU B 6 3.30 -10.72 15.55
CA GLU B 6 3.36 -11.77 16.55
C GLU B 6 2.92 -13.12 15.99
N ALA B 7 1.96 -13.12 15.06
CA ALA B 7 1.49 -14.37 14.48
C ALA B 7 2.62 -15.13 13.79
N PHE B 8 3.66 -14.43 13.35
CA PHE B 8 4.81 -15.05 12.71
C PHE B 8 5.92 -15.39 13.70
N CYS B 9 5.83 -14.94 14.94
CA CYS B 9 6.95 -15.05 15.87
C CYS B 9 7.00 -16.47 16.40
N ALA B 10 7.98 -17.23 15.93
CA ALA B 10 8.13 -18.63 16.29
C ALA B 10 9.38 -19.19 15.64
N THR B 11 9.66 -20.47 15.92
CA THR B 11 10.72 -21.22 15.27
C THR B 11 10.09 -22.13 14.24
N TRP B 12 10.49 -21.98 12.98
CA TRP B 12 9.86 -22.61 11.83
C TRP B 12 10.84 -23.53 11.11
N LYS B 13 10.30 -24.57 10.49
CA LYS B 13 11.03 -25.46 9.61
C LYS B 13 10.31 -25.56 8.27
N LEU B 14 11.08 -25.75 7.20
CA LEU B 14 10.51 -25.91 5.86
C LEU B 14 9.90 -27.30 5.69
N THR B 15 8.64 -27.34 5.26
CA THR B 15 7.98 -28.62 5.00
C THR B 15 7.57 -28.83 3.55
N ASN B 16 7.53 -27.79 2.71
CA ASN B 16 7.21 -27.99 1.31
C ASN B 16 7.70 -26.79 0.52
N SER B 17 8.09 -27.04 -0.73
CA SER B 17 8.57 -26.00 -1.61
C SER B 17 8.08 -26.32 -3.02
N GLN B 18 7.59 -25.29 -3.72
CA GLN B 18 7.03 -25.44 -5.06
C GLN B 18 7.60 -24.38 -5.98
N ASN B 19 8.24 -24.81 -7.06
CA ASN B 19 8.77 -23.96 -8.12
C ASN B 19 9.92 -23.08 -7.66
N PHE B 20 10.56 -23.43 -6.54
CA PHE B 20 11.65 -22.60 -6.05
C PHE B 20 12.86 -22.65 -6.96
N ASP B 21 13.14 -23.79 -7.59
CA ASP B 21 14.26 -23.86 -8.51
C ASP B 21 14.10 -22.88 -9.65
N GLU B 22 12.89 -22.82 -10.22
CA GLU B 22 12.63 -21.92 -11.33
C GLU B 22 12.69 -20.45 -10.87
N TYR B 23 12.22 -20.17 -9.67
CA TYR B 23 12.34 -18.82 -9.12
C TYR B 23 13.80 -18.42 -9.00
N MET B 24 14.63 -19.27 -8.41
CA MET B 24 16.06 -18.97 -8.29
C MET B 24 16.69 -18.78 -9.66
N LYS B 25 16.34 -19.65 -10.61
CA LYS B 25 16.88 -19.53 -11.96
C LYS B 25 16.51 -18.19 -12.57
N ALA B 26 15.27 -17.75 -12.40
CA ALA B 26 14.85 -16.45 -12.91
C ALA B 26 15.61 -15.31 -12.26
N LEU B 27 16.00 -15.47 -11.00
CA LEU B 27 16.82 -14.46 -10.32
C LEU B 27 18.25 -14.42 -10.84
N GLY B 28 18.68 -15.44 -11.57
CA GLY B 28 20.05 -15.52 -12.03
C GLY B 28 20.96 -16.41 -11.21
N VAL B 29 20.42 -17.25 -10.33
CA VAL B 29 21.23 -18.14 -9.52
C VAL B 29 21.72 -19.30 -10.38
N GLY B 30 23.02 -19.62 -10.27
CA GLY B 30 23.61 -20.69 -11.04
C GLY B 30 23.23 -22.07 -10.52
N PHE B 31 23.55 -23.07 -11.35
CA PHE B 31 23.09 -24.43 -11.11
C PHE B 31 23.48 -24.92 -9.71
N ALA B 32 24.76 -24.85 -9.38
CA ALA B 32 25.24 -25.44 -8.12
C ALA B 32 24.59 -24.78 -6.90
N THR B 33 24.63 -23.45 -6.85
CA THR B 33 24.00 -22.73 -5.75
C THR B 33 22.50 -23.02 -5.69
N ARG B 34 21.85 -23.13 -6.85
CA ARG B 34 20.45 -23.54 -6.86
C ARG B 34 20.27 -24.88 -6.19
N GLN B 35 21.17 -25.84 -6.45
CA GLN B 35 21.04 -27.14 -5.80
C GLN B 35 21.12 -26.99 -4.28
N VAL B 36 22.04 -26.15 -3.79
CA VAL B 36 22.10 -25.89 -2.35
C VAL B 36 20.75 -25.37 -1.87
N GLY B 37 20.19 -24.39 -2.59
CA GLY B 37 18.91 -23.85 -2.18
C GLY B 37 17.79 -24.87 -2.19
N ASN B 38 17.84 -25.82 -3.12
CA ASN B 38 16.80 -26.82 -3.25
C ASN B 38 16.87 -27.90 -2.17
N VAL B 39 18.07 -28.24 -1.69
CA VAL B 39 18.20 -29.32 -0.73
C VAL B 39 18.30 -28.85 0.73
N THR B 40 18.71 -27.61 0.97
CA THR B 40 18.99 -27.20 2.35
C THR B 40 17.70 -27.01 3.15
N LYS B 41 17.71 -27.50 4.39
CA LYS B 41 16.58 -27.36 5.28
C LYS B 41 16.88 -26.29 6.31
N PRO B 42 16.25 -25.13 6.26
CA PRO B 42 16.56 -24.06 7.21
C PRO B 42 15.68 -24.11 8.46
N THR B 43 16.22 -23.57 9.54
CA THR B 43 15.44 -23.23 10.72
C THR B 43 15.29 -21.71 10.76
N VAL B 44 14.06 -21.22 10.77
CA VAL B 44 13.79 -19.80 10.66
C VAL B 44 13.13 -19.33 11.95
N ILE B 45 13.78 -18.41 12.66
CA ILE B 45 13.29 -17.89 13.93
C ILE B 45 12.88 -16.44 13.71
N ILE B 46 11.61 -16.14 13.94
CA ILE B 46 11.09 -14.79 13.82
C ILE B 46 10.70 -14.31 15.21
N SER B 47 11.15 -13.10 15.57
CA SER B 47 10.93 -12.56 16.89
C SER B 47 10.80 -11.04 16.81
N GLN B 48 10.31 -10.47 17.91
CA GLN B 48 10.19 -9.03 18.09
C GLN B 48 10.99 -8.60 19.31
N GLU B 49 11.81 -7.57 19.13
CA GLU B 49 12.60 -6.96 20.19
C GLU B 49 12.23 -5.48 20.16
N GLY B 50 11.32 -5.08 21.04
CA GLY B 50 10.79 -3.72 20.99
C GLY B 50 10.02 -3.54 19.70
N ASP B 51 10.33 -2.49 18.96
CA ASP B 51 9.75 -2.25 17.64
C ASP B 51 10.66 -2.76 16.52
N LYS B 52 11.66 -3.56 16.84
CA LYS B 52 12.51 -4.18 15.84
C LYS B 52 12.05 -5.62 15.60
N VAL B 53 12.00 -6.01 14.34
CA VAL B 53 11.66 -7.38 13.96
C VAL B 53 12.95 -8.08 13.56
N VAL B 54 13.14 -9.30 14.04
CA VAL B 54 14.37 -10.05 13.83
C VAL B 54 14.03 -11.38 13.16
N ILE B 55 14.77 -11.71 12.10
CA ILE B 55 14.65 -12.98 11.41
C ILE B 55 16.05 -13.61 11.38
N ARG B 56 16.19 -14.72 12.10
CA ARG B 56 17.43 -15.50 12.13
C ARG B 56 17.19 -16.79 11.36
N THR B 57 18.09 -17.12 10.44
CA THR B 57 17.99 -18.36 9.68
C THR B 57 19.24 -19.18 9.89
N LEU B 58 19.06 -20.43 10.31
CA LEU B 58 20.15 -21.34 10.64
C LEU B 58 20.13 -22.50 9.66
N SER B 59 21.31 -22.86 9.15
CA SER B 59 21.45 -24.04 8.30
C SER B 59 22.92 -24.44 8.27
N THR B 60 23.16 -25.64 7.75
CA THR B 60 24.52 -26.11 7.55
C THR B 60 25.23 -25.30 6.47
N PHE B 61 24.49 -24.89 5.43
CA PHE B 61 25.09 -24.08 4.37
C PHE B 61 25.61 -22.75 4.92
N LYS B 62 24.75 -22.01 5.62
CA LYS B 62 25.17 -20.77 6.26
C LYS B 62 24.03 -20.26 7.13
N ASN B 63 24.36 -19.33 8.02
CA ASN B 63 23.40 -18.64 8.86
C ASN B 63 23.26 -17.20 8.40
N THR B 64 22.03 -16.67 8.47
CA THR B 64 21.75 -15.28 8.17
C THR B 64 20.96 -14.66 9.32
N GLU B 65 21.05 -13.34 9.43
CA GLU B 65 20.26 -12.61 10.40
C GLU B 65 19.95 -11.23 9.85
N ILE B 66 18.67 -10.86 9.87
CA ILE B 66 18.26 -9.50 9.55
C ILE B 66 17.42 -8.97 10.69
N SER B 67 17.53 -7.66 10.93
CA SER B 67 16.73 -6.95 11.92
C SER B 67 16.33 -5.62 11.31
N PHE B 68 15.07 -5.25 11.47
CA PHE B 68 14.54 -4.10 10.74
C PHE B 68 13.34 -3.52 11.48
N GLN B 69 13.08 -2.25 11.22
CA GLN B 69 11.80 -1.63 11.56
C GLN B 69 10.90 -1.70 10.33
N LEU B 70 9.62 -1.99 10.56
CA LEU B 70 8.68 -2.08 9.46
C LEU B 70 8.68 -0.78 8.66
N GLY B 71 8.73 -0.91 7.34
CA GLY B 71 8.70 0.24 6.45
C GLY B 71 10.01 1.01 6.34
N GLU B 72 11.07 0.58 7.01
CA GLU B 72 12.35 1.27 7.00
C GLU B 72 13.35 0.47 6.16
N GLU B 73 13.82 1.07 5.09
CA GLU B 73 14.77 0.40 4.20
C GLU B 73 16.06 0.06 4.94
N PHE B 74 16.63 -1.09 4.60
CA PHE B 74 17.86 -1.55 5.22
C PHE B 74 18.67 -2.34 4.20
N ASP B 75 19.97 -2.45 4.46
CA ASP B 75 20.86 -3.24 3.60
C ASP B 75 20.80 -4.70 4.00
N GLU B 76 20.66 -5.57 3.00
CA GLU B 76 20.53 -7.00 3.24
C GLU B 76 21.46 -7.76 2.31
N THR B 77 22.24 -8.68 2.86
CA THR B 77 23.03 -9.62 2.06
C THR B 77 22.35 -10.97 2.14
N THR B 78 21.78 -11.41 1.01
CA THR B 78 20.98 -12.62 1.01
C THR B 78 21.86 -13.87 1.05
N ALA B 79 21.22 -15.01 1.29
CA ALA B 79 21.94 -16.27 1.33
C ALA B 79 22.65 -16.56 0.02
N ASP B 80 22.11 -16.07 -1.10
CA ASP B 80 22.74 -16.24 -2.41
C ASP B 80 23.61 -15.05 -2.78
N ASP B 81 23.96 -14.20 -1.82
CA ASP B 81 24.96 -13.14 -1.99
C ASP B 81 24.47 -12.02 -2.90
N ARG B 82 23.18 -11.74 -2.90
CA ARG B 82 22.68 -10.49 -3.46
C ARG B 82 22.75 -9.42 -2.39
N ASN B 83 23.28 -8.27 -2.76
CA ASN B 83 23.39 -7.12 -1.87
C ASN B 83 22.28 -6.15 -2.22
N CYS B 84 21.24 -6.14 -1.38
CA CYS B 84 19.97 -5.51 -1.66
C CYS B 84 19.71 -4.35 -0.72
N LYS B 85 18.88 -3.44 -1.22
CA LYS B 85 18.12 -2.51 -0.40
C LYS B 85 16.73 -3.12 -0.24
N SER B 86 16.34 -3.37 1.01
CA SER B 86 15.14 -4.15 1.29
C SER B 86 14.23 -3.37 2.22
N VAL B 87 12.94 -3.69 2.13
CA VAL B 87 11.94 -3.13 3.04
C VAL B 87 10.95 -4.23 3.38
N VAL B 88 10.61 -4.32 4.66
CA VAL B 88 9.61 -5.26 5.13
C VAL B 88 8.49 -4.45 5.77
N SER B 89 7.26 -4.70 5.34
CA SER B 89 6.13 -3.93 5.81
C SER B 89 4.96 -4.87 6.06
N LEU B 90 4.01 -4.39 6.85
CA LEU B 90 2.75 -5.10 7.03
C LEU B 90 1.77 -4.68 5.95
N ASP B 91 1.11 -5.67 5.36
CA ASP B 91 -0.03 -5.45 4.48
C ASP B 91 -1.19 -6.22 5.12
N GLY B 92 -1.99 -5.51 5.90
CA GLY B 92 -3.00 -6.16 6.71
C GLY B 92 -2.34 -7.07 7.72
N ASP B 93 -2.57 -8.37 7.58
CA ASP B 93 -1.97 -9.39 8.44
C ASP B 93 -0.80 -10.10 7.79
N LYS B 94 -0.34 -9.62 6.63
CA LYS B 94 0.72 -10.27 5.87
C LYS B 94 2.02 -9.49 6.04
N LEU B 95 3.16 -10.20 5.99
CA LEU B 95 4.47 -9.57 5.99
C LEU B 95 5.01 -9.57 4.56
N VAL B 96 5.25 -8.39 4.02
CA VAL B 96 5.69 -8.24 2.63
C VAL B 96 7.13 -7.76 2.65
N HIS B 97 7.99 -8.50 1.95
CA HIS B 97 9.43 -8.27 1.91
C HIS B 97 9.81 -7.96 0.47
N ILE B 98 10.31 -6.74 0.24
CA ILE B 98 10.74 -6.31 -1.09
C ILE B 98 12.26 -6.16 -1.07
N GLN B 99 12.91 -6.75 -2.06
CA GLN B 99 14.36 -6.68 -2.24
C GLN B 99 14.67 -6.05 -3.59
N LYS B 100 15.49 -5.00 -3.58
CA LYS B 100 15.94 -4.34 -4.79
C LYS B 100 17.46 -4.44 -4.89
N TRP B 101 17.94 -4.82 -6.08
CA TRP B 101 19.38 -4.92 -6.32
C TRP B 101 19.63 -4.89 -7.82
N ASP B 102 20.63 -4.12 -8.23
CA ASP B 102 21.06 -4.08 -9.63
C ASP B 102 19.89 -3.72 -10.55
N GLY B 103 19.08 -2.77 -10.12
CA GLY B 103 17.93 -2.34 -10.90
C GLY B 103 16.82 -3.36 -11.00
N LYS B 104 16.91 -4.47 -10.27
CA LYS B 104 15.90 -5.51 -10.26
C LYS B 104 15.19 -5.53 -8.92
N GLU B 105 14.03 -6.19 -8.90
CA GLU B 105 13.20 -6.22 -7.71
C GLU B 105 12.51 -7.58 -7.60
N THR B 106 12.48 -8.13 -6.40
CA THR B 106 11.72 -9.33 -6.12
C THR B 106 10.97 -9.12 -4.81
N ASN B 107 9.91 -9.90 -4.61
CA ASN B 107 9.20 -9.75 -3.35
C ASN B 107 8.67 -11.09 -2.89
N PHE B 108 8.51 -11.24 -1.59
CA PHE B 108 7.84 -12.41 -1.08
C PHE B 108 6.96 -12.01 0.10
N VAL B 109 5.83 -12.71 0.20
CA VAL B 109 4.79 -12.44 1.16
C VAL B 109 4.71 -13.62 2.10
N ARG B 110 4.76 -13.35 3.41
CA ARG B 110 4.54 -14.36 4.44
C ARG B 110 3.15 -14.15 5.02
N GLU B 111 2.38 -15.23 5.10
CA GLU B 111 1.09 -15.18 5.77
C GLU B 111 0.87 -16.48 6.51
N ILE B 112 0.03 -16.44 7.53
CA ILE B 112 -0.33 -17.64 8.26
C ILE B 112 -1.63 -18.19 7.67
N LYS B 113 -1.59 -19.45 7.23
CA LYS B 113 -2.73 -20.13 6.63
C LYS B 113 -2.81 -21.52 7.22
N ASP B 114 -3.96 -21.84 7.83
CA ASP B 114 -4.16 -23.11 8.51
C ASP B 114 -2.96 -23.50 9.35
N GLY B 115 -2.49 -22.55 10.16
CA GLY B 115 -1.41 -22.81 11.10
C GLY B 115 -0.03 -22.87 10.50
N LYS B 116 0.11 -22.81 9.19
CA LYS B 116 1.42 -22.84 8.56
C LYS B 116 1.82 -21.45 8.11
N MET B 117 3.14 -21.22 8.03
CA MET B 117 3.64 -19.99 7.44
C MET B 117 3.84 -20.28 5.96
N VAL B 118 3.11 -19.55 5.12
CA VAL B 118 3.15 -19.72 3.67
C VAL B 118 3.80 -18.50 3.07
N MET B 119 4.82 -18.73 2.28
CA MET B 119 5.57 -17.68 1.61
C MET B 119 5.34 -17.79 0.12
N THR B 120 4.92 -16.68 -0.49
CA THR B 120 4.73 -16.58 -1.93
C THR B 120 5.79 -15.65 -2.48
N LEU B 121 6.64 -16.16 -3.36
CA LEU B 121 7.76 -15.42 -3.91
C LEU B 121 7.51 -15.11 -5.37
N THR B 122 7.78 -13.87 -5.75
CA THR B 122 7.54 -13.38 -7.10
C THR B 122 8.77 -12.67 -7.64
N PHE B 123 9.19 -13.09 -8.83
CA PHE B 123 10.11 -12.33 -9.67
C PHE B 123 9.54 -12.28 -11.08
N GLY B 124 9.14 -11.10 -11.51
CA GLY B 124 8.46 -11.00 -12.79
C GLY B 124 7.18 -11.80 -12.73
N ASP B 125 7.03 -12.75 -13.65
CA ASP B 125 5.88 -13.65 -13.68
C ASP B 125 6.19 -15.02 -13.10
N VAL B 126 7.37 -15.20 -12.51
CA VAL B 126 7.74 -16.47 -11.91
C VAL B 126 7.36 -16.44 -10.43
N VAL B 127 6.59 -17.44 -10.00
CA VAL B 127 6.06 -17.52 -8.65
C VAL B 127 6.45 -18.85 -8.04
N ALA B 128 6.92 -18.80 -6.79
CA ALA B 128 7.20 -20.00 -6.02
C ALA B 128 6.47 -19.91 -4.69
N VAL B 129 6.16 -21.05 -4.10
CA VAL B 129 5.45 -21.09 -2.83
C VAL B 129 6.17 -22.06 -1.90
N ARG B 130 6.43 -21.63 -0.68
CA ARG B 130 7.08 -22.44 0.32
C ARG B 130 6.24 -22.47 1.59
N HIS B 131 6.13 -23.64 2.18
CA HIS B 131 5.38 -23.84 3.41
C HIS B 131 6.34 -24.15 4.54
N TYR B 132 6.04 -23.61 5.71
CA TYR B 132 6.82 -23.80 6.92
C TYR B 132 5.86 -24.13 8.08
N GLU B 133 6.34 -24.96 8.99
CA GLU B 133 5.59 -25.38 10.17
C GLU B 133 6.42 -25.11 11.41
N LYS B 134 5.76 -24.84 12.54
CA LYS B 134 6.51 -24.54 13.75
C LYS B 134 7.35 -25.75 14.16
N ALA B 135 8.62 -25.48 14.49
CA ALA B 135 9.55 -26.50 14.97
C ALA B 135 9.84 -26.34 16.45
N SER C 2 -0.94 27.19 20.78
CA SER C 2 -2.02 27.51 19.84
C SER C 2 -3.35 27.65 20.56
N HIS C 3 -4.00 28.81 20.39
CA HIS C 3 -5.29 29.04 21.02
C HIS C 3 -6.32 28.00 20.59
N MET C 4 -6.34 27.67 19.28
CA MET C 4 -7.38 26.80 18.75
C MET C 4 -7.26 25.39 19.29
N VAL C 5 -6.04 24.90 19.50
CA VAL C 5 -5.86 23.55 20.02
C VAL C 5 -6.34 23.47 21.46
N GLU C 6 -6.22 24.56 22.24
CA GLU C 6 -6.54 24.52 23.65
C GLU C 6 -7.95 24.00 23.90
N ALA C 7 -8.89 24.28 23.00
CA ALA C 7 -10.26 23.84 23.20
C ALA C 7 -10.35 22.32 23.30
N PHE C 8 -9.41 21.59 22.70
CA PHE C 8 -9.41 20.14 22.77
C PHE C 8 -8.62 19.60 23.94
N CYS C 9 -7.82 20.42 24.61
CA CYS C 9 -6.86 19.94 25.60
C CYS C 9 -7.58 19.61 26.90
N ALA C 10 -7.74 18.32 27.16
CA ALA C 10 -8.47 17.85 28.34
C ALA C 10 -8.39 16.34 28.42
N THR C 11 -8.98 15.77 29.46
CA THR C 11 -9.15 14.34 29.60
C THR C 11 -10.61 14.01 29.30
N TRP C 12 -10.81 13.18 28.28
CA TRP C 12 -12.10 12.92 27.68
C TRP C 12 -12.48 11.46 27.84
N LYS C 13 -13.79 11.22 27.92
CA LYS C 13 -14.33 9.87 27.91
C LYS C 13 -15.41 9.79 26.85
N LEU C 14 -15.58 8.59 26.31
CA LEU C 14 -16.54 8.33 25.24
C LEU C 14 -17.95 8.24 25.81
N THR C 15 -18.87 9.01 25.23
CA THR C 15 -20.27 9.01 25.65
C THR C 15 -21.22 8.46 24.59
N ASN C 16 -20.84 8.44 23.32
CA ASN C 16 -21.68 7.85 22.29
C ASN C 16 -20.85 7.55 21.04
N SER C 17 -21.26 6.50 20.33
CA SER C 17 -20.61 6.09 19.09
C SER C 17 -21.68 5.57 18.14
N GLN C 18 -21.62 5.99 16.87
CA GLN C 18 -22.57 5.52 15.86
C GLN C 18 -21.82 5.08 14.61
N ASN C 19 -22.16 3.88 14.14
CA ASN C 19 -21.66 3.29 12.89
C ASN C 19 -20.17 3.01 12.93
N PHE C 20 -19.57 2.90 14.12
CA PHE C 20 -18.14 2.63 14.23
C PHE C 20 -17.79 1.23 13.75
N ASP C 21 -18.68 0.26 13.99
CA ASP C 21 -18.42 -1.10 13.55
C ASP C 21 -18.28 -1.15 12.03
N GLU C 22 -19.22 -0.55 11.31
CA GLU C 22 -19.14 -0.54 9.85
C GLU C 22 -17.89 0.19 9.38
N TYR C 23 -17.50 1.26 10.08
CA TYR C 23 -16.27 1.96 9.72
C TYR C 23 -15.06 1.04 9.83
N MET C 24 -14.92 0.37 10.98
CA MET C 24 -13.80 -0.55 11.16
C MET C 24 -13.84 -1.65 10.11
N LYS C 25 -15.02 -2.19 9.82
CA LYS C 25 -15.14 -3.23 8.82
C LYS C 25 -14.64 -2.73 7.47
N ALA C 26 -15.00 -1.49 7.10
CA ALA C 26 -14.54 -0.95 5.83
C ALA C 26 -13.02 -0.83 5.77
N LEU C 27 -12.37 -0.54 6.90
CA LEU C 27 -10.91 -0.52 6.94
C LEU C 27 -10.30 -1.91 6.81
N GLY C 28 -11.08 -2.97 6.96
CA GLY C 28 -10.56 -4.31 6.91
C GLY C 28 -10.31 -4.95 8.26
N VAL C 29 -10.86 -4.37 9.34
CA VAL C 29 -10.65 -4.93 10.67
C VAL C 29 -11.48 -6.20 10.82
N GLY C 30 -10.86 -7.25 11.36
CA GLY C 30 -11.54 -8.51 11.56
C GLY C 30 -12.51 -8.47 12.74
N PHE C 31 -13.34 -9.52 12.81
CA PHE C 31 -14.47 -9.52 13.73
C PHE C 31 -14.04 -9.30 15.18
N ALA C 32 -13.08 -10.09 15.66
CA ALA C 32 -12.71 -10.03 17.08
C ALA C 32 -12.18 -8.65 17.46
N THR C 33 -11.22 -8.15 16.67
CA THR C 33 -10.69 -6.82 16.93
C THR C 33 -11.78 -5.75 16.86
N ARG C 34 -12.71 -5.88 15.91
CA ARG C 34 -13.85 -4.97 15.86
C ARG C 34 -14.64 -5.02 17.17
N GLN C 35 -14.85 -6.21 17.72
CA GLN C 35 -15.55 -6.30 19.00
C GLN C 35 -14.80 -5.54 20.09
N VAL C 36 -13.47 -5.65 20.11
CA VAL C 36 -12.71 -4.85 21.08
C VAL C 36 -13.01 -3.37 20.88
N GLY C 37 -12.97 -2.91 19.63
CA GLY C 37 -13.22 -1.50 19.36
C GLY C 37 -14.62 -1.06 19.75
N ASN C 38 -15.60 -1.95 19.60
CA ASN C 38 -16.98 -1.59 19.90
C ASN C 38 -17.25 -1.57 21.40
N VAL C 39 -16.57 -2.41 22.18
CA VAL C 39 -16.86 -2.52 23.60
C VAL C 39 -15.93 -1.68 24.49
N THR C 40 -14.73 -1.34 24.04
CA THR C 40 -13.79 -0.65 24.91
C THR C 40 -14.20 0.79 25.15
N LYS C 41 -13.99 1.25 26.38
CA LYS C 41 -14.27 2.64 26.78
C LYS C 41 -12.94 3.34 27.03
N PRO C 42 -12.45 4.14 26.10
CA PRO C 42 -11.10 4.71 26.23
C PRO C 42 -11.07 5.95 27.09
N THR C 43 -9.90 6.23 27.65
CA THR C 43 -9.61 7.52 28.26
C THR C 43 -8.67 8.26 27.32
N VAL C 44 -9.07 9.44 26.85
CA VAL C 44 -8.33 10.16 25.82
C VAL C 44 -7.84 11.47 26.41
N ILE C 45 -6.52 11.66 26.47
CA ILE C 45 -5.90 12.85 27.00
C ILE C 45 -5.26 13.62 25.86
N ILE C 46 -5.73 14.85 25.63
CA ILE C 46 -5.16 15.72 24.61
C ILE C 46 -4.49 16.89 25.31
N SER C 47 -3.25 17.17 24.93
CA SER C 47 -2.48 18.22 25.58
C SER C 47 -1.54 18.87 24.56
N GLN C 48 -0.98 20.00 24.96
CA GLN C 48 0.03 20.71 24.19
C GLN C 48 1.32 20.81 24.99
N GLU C 49 2.44 20.42 24.36
CA GLU C 49 3.77 20.51 24.96
C GLU C 49 4.61 21.31 23.99
N GLY C 50 4.70 22.61 24.22
CA GLY C 50 5.46 23.48 23.33
C GLY C 50 4.87 23.46 21.93
N ASP C 51 5.72 23.05 20.98
CA ASP C 51 5.38 22.94 19.57
C ASP C 51 4.54 21.70 19.25
N LYS C 52 4.42 20.76 20.18
CA LYS C 52 3.82 19.46 19.88
C LYS C 52 2.43 19.35 20.50
N VAL C 53 1.53 18.69 19.80
CA VAL C 53 0.27 18.23 20.34
C VAL C 53 0.40 16.75 20.63
N VAL C 54 -0.09 16.33 21.80
CA VAL C 54 0.06 14.97 22.28
C VAL C 54 -1.32 14.40 22.56
N ILE C 55 -1.57 13.18 22.06
CA ILE C 55 -2.81 12.45 22.30
C ILE C 55 -2.41 11.11 22.90
N ARG C 56 -2.77 10.89 24.16
CA ARG C 56 -2.57 9.64 24.86
C ARG C 56 -3.92 8.96 25.07
N THR C 57 -4.01 7.68 24.72
CA THR C 57 -5.24 6.93 24.89
C THR C 57 -4.97 5.71 25.75
N LEU C 58 -5.76 5.55 26.82
CA LEU C 58 -5.59 4.48 27.78
C LEU C 58 -6.80 3.56 27.75
N SER C 59 -6.54 2.25 27.75
CA SER C 59 -7.59 1.25 27.82
C SER C 59 -6.98 -0.06 28.29
N THR C 60 -7.87 -1.01 28.64
CA THR C 60 -7.40 -2.35 29.01
C THR C 60 -6.80 -3.07 27.80
N PHE C 61 -7.38 -2.86 26.62
CA PHE C 61 -6.85 -3.49 25.41
C PHE C 61 -5.41 -3.07 25.17
N LYS C 62 -5.15 -1.76 25.12
CA LYS C 62 -3.79 -1.28 24.97
C LYS C 62 -3.81 0.23 25.11
N ASN C 63 -2.63 0.79 25.33
CA ASN C 63 -2.43 2.22 25.38
C ASN C 63 -1.71 2.69 24.14
N THR C 64 -2.10 3.86 23.63
CA THR C 64 -1.42 4.46 22.49
C THR C 64 -1.01 5.88 22.86
N GLU C 65 0.00 6.37 22.17
CA GLU C 65 0.44 7.75 22.34
C GLU C 65 0.99 8.24 21.02
N ILE C 66 0.49 9.38 20.55
CA ILE C 66 1.05 10.04 19.39
C ILE C 66 1.40 11.46 19.80
N SER C 67 2.48 11.96 19.23
CA SER C 67 2.94 13.33 19.45
C SER C 67 3.35 13.89 18.11
N PHE C 68 2.89 15.09 17.79
CA PHE C 68 3.06 15.59 16.43
C PHE C 68 3.04 17.10 16.42
N GLN C 69 3.68 17.68 15.41
CA GLN C 69 3.50 19.09 15.11
C GLN C 69 2.42 19.22 14.07
N LEU C 70 1.57 20.24 14.24
CA LEU C 70 0.47 20.43 13.31
C LEU C 70 1.00 20.57 11.89
N GLY C 71 0.39 19.84 10.96
CA GLY C 71 0.79 19.87 9.56
C GLY C 71 2.01 19.06 9.21
N GLU C 72 2.69 18.43 10.18
CA GLU C 72 3.89 17.67 9.93
C GLU C 72 3.57 16.17 9.89
N GLU C 73 3.97 15.50 8.82
CA GLU C 73 3.72 14.07 8.69
C GLU C 73 4.57 13.28 9.68
N PHE C 74 4.00 12.20 10.21
CA PHE C 74 4.69 11.38 11.20
C PHE C 74 4.22 9.94 11.04
N ASP C 75 5.02 9.01 11.58
CA ASP C 75 4.66 7.60 11.58
C ASP C 75 3.75 7.29 12.76
N GLU C 76 2.66 6.58 12.50
CA GLU C 76 1.68 6.26 13.53
C GLU C 76 1.34 4.77 13.45
N THR C 77 1.41 4.09 14.58
CA THR C 77 0.93 2.72 14.69
C THR C 77 -0.38 2.76 15.47
N THR C 78 -1.49 2.42 14.80
CA THR C 78 -2.81 2.57 15.38
C THR C 78 -3.10 1.44 16.37
N ALA C 79 -4.20 1.61 17.11
CA ALA C 79 -4.60 0.61 18.10
C ALA C 79 -4.81 -0.75 17.46
N ASP C 80 -5.27 -0.78 16.20
CA ASP C 80 -5.48 -2.03 15.48
C ASP C 80 -4.26 -2.43 14.66
N ASP C 81 -3.10 -1.84 14.94
CA ASP C 81 -1.82 -2.28 14.39
C ASP C 81 -1.70 -2.01 12.89
N ARG C 82 -2.28 -0.92 12.40
CA ARG C 82 -1.96 -0.37 11.09
C ARG C 82 -0.76 0.56 11.22
N ASN C 83 0.21 0.43 10.31
CA ASN C 83 1.36 1.32 10.28
C ASN C 83 1.11 2.38 9.22
N CYS C 84 0.83 3.60 9.67
CA CYS C 84 0.34 4.68 8.83
C CYS C 84 1.35 5.81 8.74
N LYS C 85 1.25 6.54 7.63
CA LYS C 85 1.81 7.88 7.52
C LYS C 85 0.65 8.84 7.79
N SER C 86 0.78 9.66 8.81
CA SER C 86 -0.34 10.45 9.32
C SER C 86 0.04 11.91 9.40
N VAL C 87 -0.98 12.77 9.33
CA VAL C 87 -0.78 14.20 9.55
C VAL C 87 -2.03 14.76 10.23
N VAL C 88 -1.81 15.62 11.21
CA VAL C 88 -2.90 16.34 11.88
C VAL C 88 -2.70 17.82 11.65
N SER C 89 -3.75 18.50 11.18
CA SER C 89 -3.66 19.92 10.84
C SER C 89 -4.88 20.64 11.38
N LEU C 90 -4.75 21.96 11.51
CA LEU C 90 -5.89 22.80 11.85
C LEU C 90 -6.62 23.19 10.58
N ASP C 91 -7.94 23.04 10.61
CA ASP C 91 -8.84 23.56 9.58
C ASP C 91 -9.83 24.46 10.32
N GLY C 92 -9.51 25.74 10.41
CA GLY C 92 -10.29 26.65 11.22
C GLY C 92 -10.24 26.23 12.68
N ASP C 93 -11.37 25.79 13.22
CA ASP C 93 -11.46 25.31 14.59
C ASP C 93 -11.41 23.80 14.69
N LYS C 94 -11.16 23.11 13.59
CA LYS C 94 -11.24 21.66 13.55
C LYS C 94 -9.85 21.06 13.48
N LEU C 95 -9.71 19.88 14.05
CA LEU C 95 -8.47 19.10 13.93
C LEU C 95 -8.72 18.01 12.89
N VAL C 96 -7.95 18.02 11.81
CA VAL C 96 -8.14 17.06 10.72
C VAL C 96 -6.98 16.08 10.74
N HIS C 97 -7.30 14.80 10.88
CA HIS C 97 -6.33 13.73 11.05
C HIS C 97 -6.43 12.81 9.85
N ILE C 98 -5.33 12.69 9.10
CA ILE C 98 -5.25 11.86 7.91
C ILE C 98 -4.34 10.69 8.21
N GLN C 99 -4.81 9.48 7.89
CA GLN C 99 -4.02 8.25 8.01
C GLN C 99 -3.92 7.58 6.65
N LYS C 100 -2.71 7.30 6.21
CA LYS C 100 -2.46 6.56 4.97
C LYS C 100 -1.75 5.26 5.29
N TRP C 101 -2.26 4.15 4.76
CA TRP C 101 -1.63 2.86 4.99
C TRP C 101 -2.06 1.87 3.91
N ASP C 102 -1.11 1.11 3.40
CA ASP C 102 -1.41 0.01 2.47
C ASP C 102 -2.20 0.50 1.25
N GLY C 103 -1.78 1.66 0.71
CA GLY C 103 -2.46 2.24 -0.44
C GLY C 103 -3.85 2.78 -0.16
N LYS C 104 -4.26 2.80 1.10
CA LYS C 104 -5.56 3.29 1.51
C LYS C 104 -5.41 4.56 2.33
N GLU C 105 -6.52 5.28 2.47
CA GLU C 105 -6.55 6.56 3.16
C GLU C 105 -7.85 6.69 3.93
N THR C 106 -7.75 7.18 5.16
CA THR C 106 -8.92 7.50 5.97
C THR C 106 -8.67 8.83 6.66
N ASN C 107 -9.75 9.48 7.08
CA ASN C 107 -9.54 10.71 7.84
C ASN C 107 -10.61 10.84 8.90
N PHE C 108 -10.29 11.55 9.97
CA PHE C 108 -11.30 11.90 10.95
C PHE C 108 -11.08 13.32 11.46
N VAL C 109 -12.19 13.97 11.78
CA VAL C 109 -12.21 15.38 12.15
C VAL C 109 -12.69 15.47 13.60
N ARG C 110 -11.94 16.21 14.42
CA ARG C 110 -12.32 16.53 15.78
C ARG C 110 -12.83 17.96 15.83
N GLU C 111 -13.98 18.15 16.49
CA GLU C 111 -14.61 19.45 16.68
C GLU C 111 -15.06 19.58 18.12
N ILE C 112 -15.07 20.82 18.63
CA ILE C 112 -15.66 21.12 19.92
C ILE C 112 -17.01 21.77 19.66
N LYS C 113 -18.08 21.06 19.97
CA LYS C 113 -19.45 21.55 19.83
C LYS C 113 -20.12 21.48 21.20
N ASP C 114 -20.62 22.62 21.67
CA ASP C 114 -21.33 22.73 22.94
C ASP C 114 -20.57 22.00 24.05
N GLY C 115 -19.27 22.30 24.14
CA GLY C 115 -18.42 21.78 25.18
C GLY C 115 -18.00 20.34 25.05
N LYS C 116 -18.57 19.57 24.11
CA LYS C 116 -18.13 18.20 23.89
C LYS C 116 -17.31 18.08 22.62
N MET C 117 -16.51 17.01 22.57
CA MET C 117 -15.69 16.71 21.39
C MET C 117 -16.44 15.73 20.51
N VAL C 118 -16.65 16.11 19.26
CA VAL C 118 -17.31 15.27 18.27
C VAL C 118 -16.28 14.87 17.22
N MET C 119 -16.18 13.57 16.96
CA MET C 119 -15.25 13.02 15.98
C MET C 119 -16.04 12.40 14.84
N THR C 120 -15.75 12.83 13.62
CA THR C 120 -16.38 12.29 12.42
C THR C 120 -15.32 11.56 11.60
N LEU C 121 -15.54 10.26 11.38
CA LEU C 121 -14.58 9.41 10.69
C LEU C 121 -15.13 9.03 9.33
N THR C 122 -14.26 9.09 8.33
CA THR C 122 -14.62 8.81 6.94
C THR C 122 -13.63 7.84 6.33
N PHE C 123 -14.17 6.76 5.76
CA PHE C 123 -13.45 5.91 4.82
C PHE C 123 -14.39 5.64 3.64
N GLY C 124 -14.06 6.20 2.48
CA GLY C 124 -14.96 6.09 1.35
C GLY C 124 -16.30 6.72 1.67
N ASP C 125 -17.37 5.93 1.54
CA ASP C 125 -18.71 6.37 1.85
C ASP C 125 -19.16 5.92 3.23
N VAL C 126 -18.29 5.32 4.01
CA VAL C 126 -18.62 4.88 5.36
C VAL C 126 -18.20 5.98 6.33
N VAL C 127 -19.16 6.45 7.12
CA VAL C 127 -18.98 7.55 8.07
C VAL C 127 -19.40 7.06 9.45
N ALA C 128 -18.59 7.34 10.46
CA ALA C 128 -18.95 7.07 11.84
C ALA C 128 -18.80 8.36 12.65
N VAL C 129 -19.54 8.45 13.75
CA VAL C 129 -19.51 9.64 14.58
C VAL C 129 -19.39 9.19 16.03
N ARG C 130 -18.46 9.78 16.76
CA ARG C 130 -18.21 9.45 18.16
C ARG C 130 -18.24 10.73 18.98
N HIS C 131 -18.89 10.67 20.15
CA HIS C 131 -18.99 11.81 21.04
C HIS C 131 -18.19 11.55 22.31
N TYR C 132 -17.51 12.59 22.78
CA TYR C 132 -16.71 12.53 24.00
C TYR C 132 -17.03 13.74 24.87
N GLU C 133 -16.98 13.53 26.17
CA GLU C 133 -17.16 14.62 27.12
C GLU C 133 -16.00 14.64 28.11
N LYS C 134 -15.69 15.84 28.60
CA LYS C 134 -14.62 16.01 29.56
C LYS C 134 -14.94 15.22 30.82
N ALA C 135 -13.94 14.51 31.34
CA ALA C 135 -14.10 13.76 32.57
C ALA C 135 -13.45 14.52 33.72
N SER D 2 -16.05 3.32 -10.69
CA SER D 2 -14.91 3.34 -9.79
C SER D 2 -13.59 3.39 -10.55
N HIS D 3 -12.78 4.41 -10.26
CA HIS D 3 -11.53 4.58 -10.97
C HIS D 3 -10.53 3.47 -10.64
N MET D 4 -10.58 2.93 -9.41
CA MET D 4 -9.74 1.78 -9.09
C MET D 4 -10.08 0.61 -10.00
N VAL D 5 -11.37 0.40 -10.27
CA VAL D 5 -11.80 -0.72 -11.09
C VAL D 5 -11.31 -0.56 -12.52
N GLU D 6 -11.20 0.68 -13.02
CA GLU D 6 -10.86 0.90 -14.42
C GLU D 6 -9.58 0.19 -14.82
N ALA D 7 -8.60 0.10 -13.91
CA ALA D 7 -7.33 -0.54 -14.25
C ALA D 7 -7.53 -2.00 -14.65
N PHE D 8 -8.60 -2.64 -14.18
CA PHE D 8 -8.89 -4.01 -14.54
C PHE D 8 -9.76 -4.13 -15.78
N CYS D 9 -10.35 -3.03 -16.23
CA CYS D 9 -11.37 -3.09 -17.28
C CYS D 9 -10.69 -3.26 -18.62
N ALA D 10 -10.77 -4.48 -19.16
CA ALA D 10 -10.11 -4.81 -20.42
C ALA D 10 -10.47 -6.23 -20.80
N THR D 11 -9.96 -6.67 -21.96
CA THR D 11 -10.07 -8.05 -22.41
C THR D 11 -8.73 -8.74 -22.17
N TRP D 12 -8.76 -9.80 -21.36
CA TRP D 12 -7.57 -10.46 -20.85
C TRP D 12 -7.52 -11.89 -21.37
N LYS D 13 -6.31 -12.40 -21.54
CA LYS D 13 -6.07 -13.80 -21.87
C LYS D 13 -5.11 -14.37 -20.84
N LEU D 14 -5.33 -15.63 -20.48
CA LEU D 14 -4.44 -16.31 -19.54
C LEU D 14 -3.09 -16.57 -20.20
N THR D 15 -2.01 -16.11 -19.57
CA THR D 15 -0.66 -16.32 -20.06
C THR D 15 0.22 -17.16 -19.13
N ASN D 16 -0.13 -17.33 -17.86
CA ASN D 16 0.64 -18.15 -16.94
C ASN D 16 -0.26 -18.62 -15.80
N SER D 17 0.03 -19.82 -15.29
CA SER D 17 -0.68 -20.40 -14.17
C SER D 17 0.30 -21.18 -13.31
N GLN D 18 0.03 -21.24 -12.01
CA GLN D 18 0.92 -21.91 -11.07
C GLN D 18 0.09 -22.53 -9.95
N ASN D 19 0.11 -23.85 -9.86
CA ASN D 19 -0.49 -24.62 -8.77
C ASN D 19 -2.01 -24.64 -8.82
N PHE D 20 -2.61 -24.34 -9.97
CA PHE D 20 -4.06 -24.33 -10.07
C PHE D 20 -4.64 -25.73 -9.90
N ASP D 21 -3.91 -26.75 -10.35
CA ASP D 21 -4.38 -28.13 -10.20
C ASP D 21 -4.58 -28.49 -8.73
N GLU D 22 -3.60 -28.17 -7.87
CA GLU D 22 -3.76 -28.49 -6.46
C GLU D 22 -4.85 -27.62 -5.83
N TYR D 23 -5.01 -26.39 -6.29
CA TYR D 23 -6.10 -25.55 -5.80
C TYR D 23 -7.44 -26.22 -6.09
N MET D 24 -7.65 -26.66 -7.33
CA MET D 24 -8.90 -27.35 -7.67
C MET D 24 -9.06 -28.62 -6.84
N LYS D 25 -7.98 -29.39 -6.68
CA LYS D 25 -8.07 -30.61 -5.90
C LYS D 25 -8.51 -30.32 -4.47
N ALA D 26 -7.93 -29.29 -3.85
CA ALA D 26 -8.31 -28.93 -2.50
C ALA D 26 -9.77 -28.50 -2.43
N LEU D 27 -10.29 -27.90 -3.50
CA LEU D 27 -11.71 -27.56 -3.53
C LEU D 27 -12.60 -28.79 -3.65
N GLY D 28 -12.03 -29.94 -3.98
CA GLY D 28 -12.80 -31.15 -4.17
C GLY D 28 -13.13 -31.50 -5.60
N VAL D 29 -12.49 -30.86 -6.57
CA VAL D 29 -12.73 -31.17 -7.97
C VAL D 29 -12.01 -32.47 -8.32
N GLY D 30 -12.71 -33.36 -9.01
CA GLY D 30 -12.12 -34.63 -9.39
C GLY D 30 -11.12 -34.50 -10.53
N PHE D 31 -10.36 -35.58 -10.74
CA PHE D 31 -9.23 -35.53 -11.65
C PHE D 31 -9.63 -35.07 -13.05
N ALA D 32 -10.63 -35.71 -13.64
CA ALA D 32 -10.98 -35.42 -15.04
C ALA D 32 -11.43 -33.96 -15.20
N THR D 33 -12.35 -33.52 -14.34
CA THR D 33 -12.76 -32.12 -14.38
C THR D 33 -11.57 -31.21 -14.18
N ARG D 34 -10.64 -31.59 -13.29
CA ARG D 34 -9.40 -30.84 -13.16
C ARG D 34 -8.66 -30.77 -14.49
N GLN D 35 -8.69 -31.86 -15.27
CA GLN D 35 -8.04 -31.80 -16.57
C GLN D 35 -8.68 -30.71 -17.43
N VAL D 36 -10.01 -30.61 -17.39
CA VAL D 36 -10.67 -29.52 -18.11
C VAL D 36 -10.15 -28.17 -17.62
N GLY D 37 -10.11 -27.98 -16.30
CA GLY D 37 -9.64 -26.71 -15.76
C GLY D 37 -8.21 -26.39 -16.11
N ASN D 38 -7.35 -27.41 -16.18
CA ASN D 38 -5.94 -27.21 -16.46
C ASN D 38 -5.69 -26.93 -17.93
N VAL D 39 -6.52 -27.46 -18.84
CA VAL D 39 -6.24 -27.26 -20.25
C VAL D 39 -6.92 -26.02 -20.81
N THR D 40 -7.98 -25.53 -20.17
CA THR D 40 -8.72 -24.40 -20.71
C THR D 40 -7.92 -23.11 -20.56
N LYS D 41 -7.93 -22.30 -21.62
CA LYS D 41 -7.30 -20.98 -21.60
C LYS D 41 -8.39 -19.93 -21.82
N PRO D 42 -8.86 -19.27 -20.77
CA PRO D 42 -10.04 -18.41 -20.89
C PRO D 42 -9.70 -17.00 -21.37
N THR D 43 -10.70 -16.36 -21.95
CA THR D 43 -10.69 -14.93 -22.20
C THR D 43 -11.60 -14.27 -21.16
N VAL D 44 -11.07 -13.31 -20.42
CA VAL D 44 -11.78 -12.68 -19.31
C VAL D 44 -11.94 -11.22 -19.64
N ILE D 45 -13.19 -10.77 -19.74
CA ILE D 45 -13.51 -9.39 -20.07
C ILE D 45 -14.10 -8.75 -18.81
N ILE D 46 -13.43 -7.71 -18.31
CA ILE D 46 -13.90 -6.99 -17.13
C ILE D 46 -14.30 -5.59 -17.55
N SER D 47 -15.49 -5.17 -17.11
CA SER D 47 -16.05 -3.89 -17.53
C SER D 47 -16.86 -3.29 -16.39
N GLN D 48 -17.20 -2.01 -16.54
CA GLN D 48 -18.09 -1.32 -15.62
C GLN D 48 -19.32 -0.89 -16.42
N GLU D 49 -20.48 -1.30 -15.96
CA GLU D 49 -21.75 -1.01 -16.63
C GLU D 49 -22.71 -0.45 -15.59
N GLY D 50 -22.86 0.87 -15.59
CA GLY D 50 -23.69 1.54 -14.60
C GLY D 50 -23.09 1.37 -13.21
N ASP D 51 -23.92 0.92 -12.28
CA ASP D 51 -23.47 0.66 -10.92
C ASP D 51 -22.81 -0.71 -10.77
N LYS D 52 -22.69 -1.50 -11.83
CA LYS D 52 -22.20 -2.86 -11.74
C LYS D 52 -20.80 -2.99 -12.30
N VAL D 53 -20.05 -3.92 -11.74
CA VAL D 53 -18.86 -4.49 -12.36
C VAL D 53 -19.28 -5.80 -12.99
N VAL D 54 -18.82 -6.05 -14.22
CA VAL D 54 -19.21 -7.22 -14.99
C VAL D 54 -17.95 -7.98 -15.38
N ILE D 55 -17.95 -9.28 -15.15
CA ILE D 55 -16.87 -10.17 -15.55
C ILE D 55 -17.47 -11.26 -16.41
N ARG D 56 -17.08 -11.27 -17.68
CA ARG D 56 -17.47 -12.28 -18.65
C ARG D 56 -16.27 -13.18 -18.91
N THR D 57 -16.47 -14.49 -18.85
CA THR D 57 -15.42 -15.44 -19.14
C THR D 57 -15.85 -16.33 -20.29
N LEU D 58 -15.03 -16.38 -21.33
CA LEU D 58 -15.30 -17.15 -22.54
C LEU D 58 -14.27 -18.24 -22.65
N SER D 59 -14.73 -19.46 -22.93
CA SER D 59 -13.83 -20.58 -23.16
C SER D 59 -14.61 -21.65 -23.92
N THR D 60 -13.87 -22.65 -24.40
CA THR D 60 -14.51 -23.77 -25.08
C THR D 60 -15.38 -24.57 -24.13
N PHE D 61 -14.96 -24.71 -22.87
CA PHE D 61 -15.73 -25.47 -21.89
C PHE D 61 -17.11 -24.87 -21.69
N LYS D 62 -17.17 -23.58 -21.41
CA LYS D 62 -18.43 -22.87 -21.23
C LYS D 62 -18.10 -21.38 -21.06
N ASN D 63 -19.13 -20.56 -21.16
CA ASN D 63 -19.02 -19.14 -20.85
C ASN D 63 -19.71 -18.88 -19.52
N THR D 64 -19.14 -17.98 -18.73
CA THR D 64 -19.75 -17.53 -17.49
C THR D 64 -19.86 -16.02 -17.52
N GLU D 65 -20.79 -15.48 -16.74
CA GLU D 65 -20.93 -14.03 -16.62
C GLU D 65 -21.43 -13.72 -15.23
N ILE D 66 -20.74 -12.81 -14.54
CA ILE D 66 -21.22 -12.30 -13.25
C ILE D 66 -21.25 -10.79 -13.31
N SER D 67 -22.20 -10.21 -12.59
CA SER D 67 -22.32 -8.77 -12.44
C SER D 67 -22.66 -8.47 -10.99
N PHE D 68 -21.99 -7.48 -10.40
CA PHE D 68 -22.12 -7.27 -8.96
C PHE D 68 -21.82 -5.83 -8.63
N GLN D 69 -22.34 -5.39 -7.48
CA GLN D 69 -21.93 -4.15 -6.85
C GLN D 69 -20.85 -4.45 -5.81
N LEU D 70 -19.83 -3.60 -5.76
CA LEU D 70 -18.75 -3.81 -4.81
C LEU D 70 -19.31 -3.87 -3.40
N GLY D 71 -18.85 -4.87 -2.63
CA GLY D 71 -19.26 -5.05 -1.26
C GLY D 71 -20.62 -5.70 -1.07
N GLU D 72 -21.40 -5.91 -2.14
CA GLU D 72 -22.74 -6.44 -2.02
C GLU D 72 -22.75 -7.92 -2.39
N GLU D 73 -23.24 -8.75 -1.48
CA GLU D 73 -23.25 -10.20 -1.67
C GLU D 73 -24.17 -10.58 -2.81
N PHE D 74 -23.78 -11.62 -3.56
CA PHE D 74 -24.58 -12.08 -4.69
C PHE D 74 -24.41 -13.59 -4.83
N ASP D 75 -25.37 -14.21 -5.54
CA ASP D 75 -25.30 -15.63 -5.82
C ASP D 75 -24.44 -15.85 -7.06
N GLU D 76 -23.51 -16.81 -6.98
CA GLU D 76 -22.60 -17.11 -8.07
C GLU D 76 -22.57 -18.62 -8.27
N THR D 77 -22.76 -19.06 -9.51
CA THR D 77 -22.59 -20.46 -9.87
C THR D 77 -21.28 -20.56 -10.66
N THR D 78 -20.30 -21.23 -10.07
CA THR D 78 -18.97 -21.28 -10.64
C THR D 78 -18.91 -22.24 -11.82
N ALA D 79 -17.79 -22.19 -12.54
CA ALA D 79 -17.59 -23.07 -13.68
C ALA D 79 -17.68 -24.54 -13.28
N ASP D 80 -17.29 -24.87 -12.05
CA ASP D 80 -17.37 -26.23 -11.55
C ASP D 80 -18.67 -26.49 -10.78
N ASP D 81 -19.67 -25.62 -10.92
CA ASP D 81 -21.03 -25.86 -10.43
C ASP D 81 -21.11 -25.84 -8.90
N ARG D 82 -20.29 -25.02 -8.26
CA ARG D 82 -20.50 -24.68 -6.85
C ARG D 82 -21.49 -23.51 -6.79
N ASN D 83 -22.48 -23.62 -5.91
CA ASN D 83 -23.46 -22.56 -5.70
C ASN D 83 -23.01 -21.76 -4.48
N CYS D 84 -22.47 -20.57 -4.74
CA CYS D 84 -21.77 -19.79 -3.74
C CYS D 84 -22.50 -18.49 -3.43
N LYS D 85 -22.30 -18.01 -2.22
CA LYS D 85 -22.54 -16.62 -1.86
C LYS D 85 -21.19 -15.90 -1.95
N SER D 86 -21.12 -14.88 -2.78
CA SER D 86 -19.85 -14.25 -3.11
C SER D 86 -19.92 -12.75 -2.82
N VAL D 87 -18.75 -12.18 -2.55
CA VAL D 87 -18.63 -10.73 -2.38
C VAL D 87 -17.32 -10.30 -3.02
N VAL D 88 -17.38 -9.24 -3.81
CA VAL D 88 -16.20 -8.63 -4.41
C VAL D 88 -16.10 -7.21 -3.90
N SER D 89 -14.94 -6.85 -3.37
CA SER D 89 -14.73 -5.53 -2.79
C SER D 89 -13.37 -5.02 -3.20
N LEU D 90 -13.19 -3.71 -3.09
CA LEU D 90 -11.88 -3.08 -3.29
C LEU D 90 -11.11 -3.12 -1.98
N ASP D 91 -9.83 -3.51 -2.08
CA ASP D 91 -8.86 -3.37 -1.01
C ASP D 91 -7.74 -2.51 -1.60
N GLY D 92 -7.84 -1.20 -1.41
CA GLY D 92 -6.93 -0.29 -2.06
C GLY D 92 -7.08 -0.35 -3.56
N ASP D 93 -6.06 -0.85 -4.24
CA ASP D 93 -6.08 -1.00 -5.68
C ASP D 93 -6.35 -2.43 -6.12
N LYS D 94 -6.67 -3.32 -5.19
CA LYS D 94 -6.86 -4.74 -5.49
C LYS D 94 -8.35 -5.10 -5.43
N LEU D 95 -8.73 -6.08 -6.23
CA LEU D 95 -10.10 -6.61 -6.20
C LEU D 95 -10.08 -7.93 -5.45
N VAL D 96 -10.83 -8.00 -4.36
CA VAL D 96 -10.85 -9.17 -3.48
C VAL D 96 -12.20 -9.86 -3.66
N HIS D 97 -12.13 -11.16 -4.01
CA HIS D 97 -13.31 -11.96 -4.30
C HIS D 97 -13.36 -13.11 -3.30
N ILE D 98 -14.42 -13.14 -2.48
CA ILE D 98 -14.63 -14.19 -1.49
C ILE D 98 -15.83 -15.01 -1.92
N GLN D 99 -15.65 -16.34 -1.93
CA GLN D 99 -16.71 -17.29 -2.25
C GLN D 99 -16.95 -18.20 -1.06
N LYS D 100 -18.21 -18.30 -0.64
CA LYS D 100 -18.62 -19.16 0.45
C LYS D 100 -19.62 -20.18 -0.06
N TRP D 101 -19.42 -21.46 0.26
CA TRP D 101 -20.34 -22.50 -0.14
C TRP D 101 -20.15 -23.71 0.76
N ASP D 102 -21.26 -24.30 1.20
CA ASP D 102 -21.23 -25.52 2.00
C ASP D 102 -20.37 -25.35 3.25
N GLY D 103 -20.47 -24.18 3.89
CA GLY D 103 -19.68 -23.90 5.07
C GLY D 103 -18.20 -23.73 4.83
N LYS D 104 -17.78 -23.71 3.57
CA LYS D 104 -16.39 -23.56 3.16
C LYS D 104 -16.19 -22.18 2.54
N GLU D 105 -14.92 -21.77 2.44
CA GLU D 105 -14.58 -20.44 1.97
C GLU D 105 -13.31 -20.49 1.14
N THR D 106 -13.30 -19.76 0.02
CA THR D 106 -12.09 -19.57 -0.76
C THR D 106 -12.02 -18.11 -1.16
N ASN D 107 -10.82 -17.62 -1.46
CA ASN D 107 -10.75 -16.24 -1.91
C ASN D 107 -9.65 -16.09 -2.94
N PHE D 108 -9.81 -15.10 -3.81
CA PHE D 108 -8.74 -14.75 -4.73
C PHE D 108 -8.69 -13.24 -4.93
N VAL D 109 -7.47 -12.74 -5.13
CA VAL D 109 -7.16 -11.32 -5.22
C VAL D 109 -6.65 -11.04 -6.64
N ARG D 110 -7.24 -10.04 -7.28
CA ARG D 110 -6.78 -9.54 -8.57
C ARG D 110 -6.03 -8.23 -8.37
N GLU D 111 -4.83 -8.14 -8.96
CA GLU D 111 -4.07 -6.90 -8.92
C GLU D 111 -3.44 -6.69 -10.29
N ILE D 112 -3.20 -5.43 -10.63
CA ILE D 112 -2.46 -5.09 -11.84
C ILE D 112 -1.02 -4.83 -11.43
N LYS D 113 -0.12 -5.72 -11.85
CA LYS D 113 1.30 -5.60 -11.60
C LYS D 113 2.02 -5.57 -12.94
N ASP D 114 2.77 -4.49 -13.18
CA ASP D 114 3.54 -4.34 -14.40
C ASP D 114 2.67 -4.62 -15.63
N GLY D 115 1.50 -4.01 -15.65
CA GLY D 115 0.59 -4.10 -16.79
C GLY D 115 -0.15 -5.41 -16.93
N LYS D 116 0.16 -6.42 -16.13
CA LYS D 116 -0.50 -7.72 -16.21
C LYS D 116 -1.49 -7.85 -15.06
N MET D 117 -2.52 -8.68 -15.26
CA MET D 117 -3.46 -8.98 -14.19
C MET D 117 -3.01 -10.27 -13.50
N VAL D 118 -2.72 -10.18 -12.21
CA VAL D 118 -2.26 -11.32 -11.44
C VAL D 118 -3.35 -11.68 -10.44
N MET D 119 -3.76 -12.94 -10.44
CA MET D 119 -4.78 -13.46 -9.53
C MET D 119 -4.10 -14.43 -8.58
N THR D 120 -4.25 -14.19 -7.28
CA THR D 120 -3.71 -15.04 -6.23
C THR D 120 -4.87 -15.71 -5.52
N LEU D 121 -4.89 -17.04 -5.55
CA LEU D 121 -5.99 -17.85 -5.05
C LEU D 121 -5.56 -18.59 -3.79
N THR D 122 -6.46 -18.61 -2.81
CA THR D 122 -6.24 -19.28 -1.53
C THR D 122 -7.41 -20.18 -1.22
N PHE D 123 -7.10 -21.45 -0.92
CA PHE D 123 -8.00 -22.34 -0.21
C PHE D 123 -7.20 -23.04 0.88
N GLY D 124 -7.52 -22.74 2.13
CA GLY D 124 -6.72 -23.24 3.23
C GLY D 124 -5.30 -22.72 3.12
N ASP D 125 -4.32 -23.62 3.10
CA ASP D 125 -2.93 -23.23 2.92
C ASP D 125 -2.47 -23.43 1.49
N VAL D 126 -3.39 -23.72 0.57
CA VAL D 126 -3.06 -23.90 -0.84
C VAL D 126 -3.14 -22.56 -1.54
N VAL D 127 -2.06 -22.22 -2.25
CA VAL D 127 -1.93 -20.95 -2.95
C VAL D 127 -1.69 -21.27 -4.42
N ALA D 128 -2.45 -20.59 -5.29
CA ALA D 128 -2.23 -20.66 -6.73
C ALA D 128 -2.10 -19.25 -7.26
N VAL D 129 -1.39 -19.09 -8.38
CA VAL D 129 -1.23 -17.78 -8.99
C VAL D 129 -1.39 -17.92 -10.50
N ARG D 130 -2.21 -17.04 -11.09
CA ARG D 130 -2.49 -17.05 -12.51
C ARG D 130 -2.23 -15.65 -13.07
N HIS D 131 -1.58 -15.58 -14.23
CA HIS D 131 -1.28 -14.32 -14.89
C HIS D 131 -2.10 -14.18 -16.16
N TYR D 132 -2.56 -12.95 -16.43
CA TYR D 132 -3.33 -12.63 -17.61
C TYR D 132 -2.76 -11.36 -18.24
N GLU D 133 -2.84 -11.28 -19.57
CA GLU D 133 -2.38 -10.10 -20.29
C GLU D 133 -3.49 -9.56 -21.18
N LYS D 134 -3.48 -8.24 -21.38
CA LYS D 134 -4.51 -7.61 -22.20
C LYS D 134 -4.44 -8.11 -23.63
N ALA D 135 -5.60 -8.51 -24.16
CA ALA D 135 -5.72 -8.91 -25.56
C ALA D 135 -6.49 -7.83 -26.32
C12 8KS E . 4.59 20.98 -3.79
C11 8KS E . 6.72 19.69 -1.35
C10 8KS E . 6.88 18.93 -0.21
O15 8KS E . 3.64 18.95 -2.77
C16 8KS E . 2.55 18.27 -2.30
O01 8KS E . 6.24 23.45 -4.69
C02 8KS E . 7.00 22.45 -4.80
O03 8KS E . 7.97 22.34 -5.60
C04 8KS E . 6.74 21.23 -3.89
C05 8KS E . 5.65 21.48 -2.77
C06 8KS E . 5.77 20.70 -1.50
C07 8KS E . 4.95 20.91 -0.40
C08 8KS E . 5.09 20.16 0.77
C09 8KS E . 6.05 19.16 0.88
C13 8KS E . 3.45 20.25 -3.20
O14 8KS E . 2.46 20.78 -2.72
C17 8KS E . 2.23 18.31 -0.96
C18 8KS E . 1.10 17.62 -0.48
C19 8KS E . 0.31 16.91 -1.34
C20 8KS E . 0.61 16.87 -2.74
C21 8KS E . -0.22 16.13 -3.63
C22 8KS E . 0.06 16.07 -4.97
C23 8KS E . 1.19 16.76 -5.48
C24 8KS E . 1.99 17.47 -4.62
C25 8KS E . 1.73 17.55 -3.23
C26 8KS E . 5.77 20.19 -4.51
C27 8KS E . 5.73 20.06 -6.02
C28 8KS E . 6.79 19.55 -6.76
C29 8KS E . 6.72 19.43 -8.15
C30 8KS E . 5.58 19.82 -8.84
C31 8KS E . 4.52 20.32 -8.12
C32 8KS E . 4.61 20.43 -6.75
H1 8KS E . 4.17 21.68 -4.53
H2 8KS E . 7.40 19.46 -2.15
H3 8KS E . 7.66 18.16 -0.17
H5 8KS E . 7.74 20.92 -3.56
H6 8KS E . 5.57 22.58 -2.62
H7 8KS E . 4.17 21.68 -0.43
H8 8KS E . 4.44 20.34 1.63
H9 8KS E . 6.17 18.58 1.79
H10 8KS E . 2.83 18.85 -0.23
H11 8KS E . 0.90 17.68 0.59
H12 8KS E . -0.55 16.39 -0.94
H13 8KS E . -1.09 15.59 -3.26
H14 8KS E . -0.57 15.51 -5.68
H15 8KS E . 1.40 16.70 -6.55
H16 8KS E . 2.85 17.99 -5.03
H17 8KS E . 5.87 19.20 -4.02
H18 8KS E . 7.70 19.23 -6.25
H19 8KS E . 7.57 19.04 -8.72
H20 8KS E . 5.52 19.74 -9.93
H21 8KS E . 3.60 20.65 -8.63
H22 8KS E . 3.71 20.84 -6.27
S SO4 F . -12.53 14.51 -3.10
O1 SO4 F . -12.50 14.17 -1.69
O2 SO4 F . -12.88 15.92 -3.28
O3 SO4 F . -13.53 13.69 -3.78
O4 SO4 F . -11.22 14.26 -3.69
S SO4 G . 4.56 25.34 5.70
O1 SO4 G . 4.20 26.43 4.80
O2 SO4 G . 4.59 25.84 7.07
O3 SO4 G . 5.89 24.83 5.33
O4 SO4 G . 3.58 24.27 5.58
C12 8KS H . 16.09 -20.11 1.84
C11 8KS H . 18.64 -19.63 4.15
C10 8KS H . 19.99 -19.65 4.48
O15 8KS H . 18.18 -19.56 0.62
C16 8KS H . 18.89 -19.74 -0.51
O01 8KS H . 13.70 -20.70 3.56
C02 8KS H . 14.20 -19.64 4.05
O03 8KS H . 13.58 -18.80 4.74
C04 8KS H . 15.70 -19.37 3.81
C05 8KS H . 16.48 -20.60 3.26
C06 8KS H . 17.95 -20.70 3.58
C07 8KS H . 18.71 -21.84 3.34
C08 8KS H . 20.06 -21.88 3.66
C09 8KS H . 20.71 -20.80 4.22
C13 8KS H . 17.10 -20.40 0.80
O14 8KS H . 17.13 -21.43 0.12
C17 8KS H . 19.93 -20.64 -0.56
C18 8KS H . 20.67 -20.82 -1.74
C19 8KS H . 20.37 -20.10 -2.86
C20 8KS H . 19.28 -19.16 -2.84
C21 8KS H . 18.97 -18.41 -4.01
C22 8KS H . 17.94 -17.49 -4.02
C23 8KS H . 17.18 -17.30 -2.84
C24 8KS H . 17.49 -18.02 -1.71
C25 8KS H . 18.55 -18.97 -1.67
C26 8KS H . 15.97 -18.65 2.47
C27 8KS H . 14.90 -17.71 1.96
C28 8KS H . 14.83 -16.37 2.34
C29 8KS H . 13.83 -15.52 1.85
C30 8KS H . 12.86 -15.97 0.96
C31 8KS H . 12.91 -17.29 0.57
C32 8KS H . 13.90 -18.12 1.07
H1 8KS H . 15.12 -20.38 1.42
H2 8KS H . 18.12 -18.70 4.37
H3 8KS H . 20.45 -18.77 4.92
H5 8KS H . 16.05 -18.92 4.76
H6 8KS H . 15.91 -21.52 3.53
H7 8KS H . 18.25 -22.72 2.89
H8 8KS H . 20.65 -22.78 3.46
H9 8KS H . 21.78 -20.83 4.47
H10 8KS H . 20.22 -21.24 0.32
H11 8KS H . 21.48 -21.55 -1.72
H12 8KS H . 20.95 -20.26 -3.77
H13 8KS H . 19.54 -18.54 -4.93
H14 8KS H . 17.68 -16.91 -4.91
H15 8KS H . 16.37 -16.57 -2.87
H16 8KS H . 16.89 -17.85 -0.81
H17 8KS H . 16.98 -18.18 2.47
H18 8KS H . 15.57 -15.96 3.02
H19 8KS H . 13.80 -14.47 2.16
H20 8KS H . 12.07 -15.32 0.58
H21 8KS H . 12.17 -17.71 -0.12
H22 8KS H . 13.86 -19.16 0.70
S SO4 I . 21.85 -23.45 -15.69
O1 SO4 I . 22.60 -22.66 -14.72
O2 SO4 I . 20.69 -22.69 -16.15
O3 SO4 I . 21.41 -24.70 -15.09
O4 SO4 I . 22.72 -23.75 -16.82
S SO4 J . 9.14 -28.20 -7.39
O1 SO4 J . 8.99 -27.08 -8.32
O2 SO4 J . 9.91 -27.78 -6.23
O3 SO4 J . 7.81 -28.64 -6.96
O4 SO4 J . 9.81 -29.30 -8.07
C12 8KS K . -10.77 4.03 19.67
C11 8KS K . -7.95 3.27 21.56
C10 8KS K . -7.04 2.33 22.00
O15 8KS K . -9.66 2.03 18.77
C16 8KS K . -9.76 0.84 18.15
O01 8KS K . -11.83 6.57 20.82
C02 8KS K . -10.59 6.79 20.72
O03 8KS K . -10.05 7.92 20.65
C04 8KS K . -9.63 5.57 20.64
C05 8KS K . -10.26 4.21 21.13
C06 8KS K . -9.33 3.15 21.64
C07 8KS K . -9.78 1.95 22.21
C08 8KS K . -8.89 0.99 22.67
C09 8KS K . -7.52 1.16 22.57
C13 8KS K . -10.83 2.64 19.20
O14 8KS K . -11.80 1.90 19.28
C17 8KS K . -9.82 -0.33 18.88
C18 8KS K . -9.93 -1.57 18.24
C19 8KS K . -9.98 -1.64 16.88
C20 8KS K . -9.91 -0.45 16.08
C21 8KS K . -9.96 -0.53 14.65
C22 8KS K . -9.90 0.59 13.87
C23 8KS K . -9.79 1.85 14.49
C24 8KS K . -9.74 1.94 15.85
C25 8KS K . -9.80 0.79 16.70
C26 8KS K . -9.57 4.95 19.21
C27 8KS K . -9.75 5.89 18.06
C28 8KS K . -8.74 6.72 17.59
C29 8KS K . -8.93 7.58 16.52
C30 8KS K . -10.15 7.64 15.86
C31 8KS K . -11.17 6.82 16.30
C32 8KS K . -10.95 5.98 17.36
H1 8KS K . -11.71 4.52 19.34
H2 8KS K . -7.51 4.17 21.12
H3 8KS K . -5.97 2.52 21.90
H5 8KS K . -8.72 5.91 21.14
H6 8KS K . -11.10 4.45 21.83
H7 8KS K . -10.86 1.76 22.31
H8 8KS K . -9.26 0.06 23.11
H9 8KS K . -6.82 0.40 22.93
H10 8KS K . -9.80 -0.33 19.97
H11 8KS K . -9.98 -2.46 18.87
H12 8KS K . -10.06 -2.62 16.40
H13 8KS K . -10.04 -1.50 14.16
H14 8KS K . -9.93 0.54 12.76
H15 8KS K . -9.75 2.73 13.85
H16 8KS K . -9.67 2.92 16.31
H17 8KS K . -8.66 4.31 19.10
H18 8KS K . -7.77 6.71 18.09
H19 8KS K . -8.13 8.23 16.17
H20 8KS K . -10.32 8.31 15.01
H21 8KS K . -12.15 6.83 15.81
H22 8KS K . -11.83 5.36 17.64
S SO4 L . -16.09 -10.55 9.21
O1 SO4 L . -16.99 -10.34 10.35
O2 SO4 L . -15.02 -9.54 9.24
O3 SO4 L . -16.84 -10.42 7.96
O4 SO4 L . -15.49 -11.87 9.30
S SO4 M . -24.31 1.78 16.19
O1 SO4 M . -25.38 2.61 16.74
O2 SO4 M . -23.02 2.28 16.66
O3 SO4 M . -24.50 0.40 16.63
O4 SO4 M . -24.35 1.85 14.73
C12 8KS N . -11.04 -20.54 -14.42
C11 8KS N . -13.80 -20.25 -16.43
C10 8KS N . -14.88 -20.82 -17.09
O15 8KS N . -12.49 -22.27 -13.40
C16 8KS N . -12.53 -23.48 -12.77
O01 8KS N . -9.29 -18.15 -15.17
C02 8KS N . -10.45 -17.67 -15.01
O03 8KS N . -10.70 -16.47 -14.76
C04 8KS N . -11.66 -18.61 -15.14
C05 8KS N . -11.35 -19.99 -15.84
C06 8KS N . -12.48 -20.65 -16.60
C07 8KS N . -12.29 -21.71 -17.50
C08 8KS N . -13.37 -22.28 -18.17
C09 8KS N . -14.67 -21.85 -17.97
C13 8KS N . -11.40 -21.95 -14.21
O14 8KS N . -10.70 -22.90 -14.57
C17 8KS N . -12.41 -23.55 -11.40
C18 8KS N . -12.47 -24.79 -10.72
C19 8KS N . -12.65 -25.94 -11.44
C20 8KS N . -12.79 -25.90 -12.86
C21 8KS N . -12.99 -27.09 -13.57
C22 8KS N . -13.12 -27.10 -14.93
C23 8KS N . -13.06 -25.88 -15.64
C24 8KS N . -12.87 -24.71 -14.95
C25 8KS N . -12.74 -24.68 -13.53
C26 8KS N . -11.99 -19.41 -13.83
C27 8KS N . -11.64 -18.80 -12.48
C28 8KS N . -12.21 -17.62 -12.01
C29 8KS N . -11.87 -17.11 -10.75
C30 8KS N . -10.98 -17.76 -9.92
C31 8KS N . -10.41 -18.93 -10.37
C32 8KS N . -10.75 -19.42 -11.61
H1 8KS N . -10.04 -20.39 -13.97
H2 8KS N . -14.04 -19.45 -15.74
H3 8KS N . -15.89 -20.43 -16.89
H5 8KS N . -12.43 -17.98 -15.61
H6 8KS N . -10.41 -19.87 -16.43
H7 8KS N . -11.29 -22.08 -17.70
H8 8KS N . -13.21 -23.10 -18.88
H9 8KS N . -15.51 -22.30 -18.50
H10 8KS N . -12.26 -22.66 -10.77
H11 8KS N . -12.37 -24.79 -9.63
H12 8KS N . -12.70 -26.89 -10.90
H13 8KS N . -13.03 -28.06 -13.06
H14 8KS N . -13.27 -28.04 -15.51
H15 8KS N . -13.17 -25.90 -16.73
H16 8KS N . -12.84 -23.78 -15.51
H17 8KS N . -13.03 -19.78 -13.86
H18 8KS N . -12.92 -17.07 -12.63
H19 8KS N . -12.33 -16.17 -10.40
H20 8KS N . -10.70 -17.36 -8.94
H21 8KS N . -9.69 -19.48 -9.75
H22 8KS N . -10.25 -20.37 -11.88
S SO4 O . -8.52 -37.45 -7.19
O1 SO4 O . -8.34 -37.93 -5.82
O2 SO4 O . -8.78 -36.01 -7.17
O3 SO4 O . -9.65 -38.14 -7.81
O4 SO4 O . -7.31 -37.70 -7.96
S SO4 P . -10.10 -22.76 -24.31
O1 SO4 P . -10.68 -22.02 -25.43
O2 SO4 P . -10.06 -21.89 -23.15
O3 SO4 P . -10.92 -23.93 -24.01
O4 SO4 P . -8.75 -23.18 -24.65
#